data_6EFW
#
_entry.id   6EFW
#
_cell.length_a   85.420
_cell.length_b   85.420
_cell.length_c   187.080
_cell.angle_alpha   90.000
_cell.angle_beta   90.000
_cell.angle_gamma   90.000
#
_symmetry.space_group_name_H-M   'I 4 2 2'
#
loop_
_entity.id
_entity.type
_entity.pdbx_description
1 polymer 'ATP-dependent (S)-NAD(P)H-hydrate dehydratase'
2 non-polymer 'SODIUM ION'
3 non-polymer 'PHOSPHATE ION'
4 water water
#
_entity_poly.entity_id   1
_entity_poly.type   'polypeptide(L)'
_entity_poly.pdbx_seq_one_letter_code
;MAHHHHHHMASKQHAHILSLARSMIPPLHPKLHKGQAGRIGVLGGSGDYSGAPYFSSMGAMRFGADLAHVICEPSAGAVI
KTYSPDLIVHTILDPQKSREDIRSALKGVMSRLHVLIIGPGLGRDDHMQSCAKIAFELAKDMEQMGVVVDADGLWLVQNE
PKVVMDWPGVPRIILTPNVMEFKRLCDTMKINASGPHTSLCPQLATALGNATIIQKGPSDIISNGLKIPFALLSDESEEE
QNYLEVKVEGGLKRVGGQGDILSGSTGVLLAWGSEWVRGTYEHVGHPPPQDKAIKENIPVLAAYGASTFNRTVSKRGFQK
KGRSMVTGDLVDMVGEVYEEVFGNPGEVEGRGKL
;
_entity_poly.pdbx_strand_id   A
#
loop_
_chem_comp.id
_chem_comp.type
_chem_comp.name
_chem_comp.formula
NA non-polymer 'SODIUM ION' 'Na 1'
PO4 non-polymer 'PHOSPHATE ION' 'O4 P -3'
#
# COMPACT_ATOMS: atom_id res chain seq x y z
N HIS A 8 7.38 -12.55 24.40
CA HIS A 8 8.40 -13.56 24.16
C HIS A 8 8.46 -13.95 22.69
N MET A 9 7.73 -15.01 22.34
CA MET A 9 7.64 -15.45 20.95
C MET A 9 6.99 -14.39 20.06
N ALA A 10 6.20 -13.48 20.63
CA ALA A 10 5.54 -12.46 19.81
C ALA A 10 6.52 -11.42 19.31
N SER A 11 7.49 -11.03 20.14
CA SER A 11 8.51 -10.10 19.67
C SER A 11 9.47 -10.79 18.71
N LYS A 12 9.76 -12.08 18.94
CA LYS A 12 10.54 -12.84 17.97
C LYS A 12 9.85 -12.90 16.62
N GLN A 13 8.55 -13.19 16.62
CA GLN A 13 7.86 -13.26 15.34
C GLN A 13 7.80 -11.88 14.68
N HIS A 14 7.50 -10.84 15.46
CA HIS A 14 7.46 -9.50 14.87
C HIS A 14 8.79 -9.13 14.23
N ALA A 15 9.88 -9.36 14.95
CA ALA A 15 11.19 -9.05 14.39
C ALA A 15 11.48 -9.88 13.15
N HIS A 16 11.09 -11.16 13.16
CA HIS A 16 11.32 -12.03 12.01
C HIS A 16 10.58 -11.53 10.76
N ILE A 17 9.30 -11.25 10.89
CA ILE A 17 8.52 -10.82 9.73
C ILE A 17 9.03 -9.48 9.22
N LEU A 18 9.42 -8.58 10.13
CA LEU A 18 9.97 -7.30 9.70
CA LEU A 18 9.97 -7.30 9.71
C LEU A 18 11.26 -7.50 8.92
N SER A 19 12.08 -8.47 9.32
CA SER A 19 13.31 -8.72 8.60
CA SER A 19 13.32 -8.70 8.60
C SER A 19 13.04 -9.26 7.20
N LEU A 20 11.98 -10.06 7.03
CA LEU A 20 11.58 -10.49 5.69
C LEU A 20 11.14 -9.31 4.85
N ALA A 21 10.36 -8.39 5.43
CA ALA A 21 9.97 -7.19 4.70
C ALA A 21 11.20 -6.37 4.31
N ARG A 22 12.19 -6.26 5.21
CA ARG A 22 13.44 -5.57 4.90
C ARG A 22 14.18 -6.20 3.74
N SER A 23 14.04 -7.52 3.56
CA SER A 23 14.72 -8.17 2.45
CA SER A 23 14.68 -8.21 2.45
C SER A 23 14.16 -7.77 1.09
N MET A 24 12.97 -7.14 1.04
CA MET A 24 12.38 -6.70 -0.20
C MET A 24 13.06 -5.45 -0.75
N ILE A 25 13.73 -4.68 0.10
CA ILE A 25 14.15 -3.33 -0.24
C ILE A 25 15.41 -3.39 -1.10
N PRO A 26 15.42 -2.77 -2.28
CA PRO A 26 16.64 -2.78 -3.08
C PRO A 26 17.70 -1.94 -2.41
N PRO A 27 18.98 -2.25 -2.63
CA PRO A 27 20.04 -1.38 -2.14
C PRO A 27 20.07 -0.11 -2.96
N LEU A 28 20.45 0.99 -2.33
CA LEU A 28 20.90 2.16 -3.09
C LEU A 28 22.26 1.83 -3.68
N HIS A 29 22.37 1.93 -5.01
CA HIS A 29 23.48 1.26 -5.68
C HIS A 29 23.76 1.99 -6.98
N PRO A 30 25.04 2.16 -7.36
CA PRO A 30 25.32 2.92 -8.58
C PRO A 30 24.73 2.31 -9.83
N LYS A 31 24.51 0.99 -9.86
CA LYS A 31 24.00 0.36 -11.07
C LYS A 31 22.48 0.50 -11.23
N LEU A 32 21.76 1.01 -10.24
CA LEU A 32 20.34 1.24 -10.43
C LEU A 32 20.12 2.63 -11.02
N HIS A 33 19.16 2.74 -11.92
CA HIS A 33 18.84 4.05 -12.48
C HIS A 33 17.41 4.45 -12.14
N LYS A 34 17.10 5.70 -12.50
CA LYS A 34 15.84 6.32 -12.12
C LYS A 34 14.67 5.43 -12.51
N GLY A 35 13.81 5.15 -11.53
CA GLY A 35 12.62 4.34 -11.72
C GLY A 35 12.72 2.95 -11.16
N GLN A 36 13.93 2.37 -11.09
CA GLN A 36 14.01 0.97 -10.71
C GLN A 36 13.68 0.75 -9.24
N ALA A 37 13.76 1.79 -8.41
CA ALA A 37 13.35 1.70 -7.01
C ALA A 37 11.93 2.22 -6.81
N GLY A 38 11.10 2.18 -7.84
CA GLY A 38 9.66 2.31 -7.64
C GLY A 38 9.02 3.47 -8.36
N ARG A 39 8.02 3.17 -9.17
CA ARG A 39 7.18 4.18 -9.80
C ARG A 39 5.78 3.97 -9.25
N ILE A 40 5.31 4.91 -8.43
CA ILE A 40 4.08 4.75 -7.66
C ILE A 40 3.08 5.79 -8.13
N GLY A 41 1.83 5.38 -8.30
CA GLY A 41 0.75 6.30 -8.62
C GLY A 41 -0.32 6.31 -7.55
N VAL A 42 -1.00 7.44 -7.42
CA VAL A 42 -2.15 7.59 -6.53
C VAL A 42 -3.31 8.08 -7.39
N LEU A 43 -4.41 7.33 -7.40
CA LEU A 43 -5.58 7.72 -8.17
C LEU A 43 -6.62 8.25 -7.20
N GLY A 44 -6.98 9.52 -7.33
CA GLY A 44 -7.94 10.13 -6.42
C GLY A 44 -8.13 11.59 -6.73
N GLY A 45 -8.10 12.44 -5.70
CA GLY A 45 -8.17 13.87 -5.86
C GLY A 45 -9.39 14.37 -6.62
N SER A 46 -10.56 14.23 -6.04
CA SER A 46 -11.79 14.70 -6.65
CA SER A 46 -11.80 14.69 -6.65
C SER A 46 -12.27 15.95 -5.94
N GLY A 47 -12.77 16.91 -6.72
CA GLY A 47 -13.33 18.14 -6.18
C GLY A 47 -12.45 18.79 -5.13
N ASP A 48 -12.98 18.92 -3.92
CA ASP A 48 -12.24 19.58 -2.85
C ASP A 48 -11.21 18.69 -2.14
N TYR A 49 -11.12 17.39 -2.48
CA TYR A 49 -10.38 16.44 -1.64
C TYR A 49 -8.94 16.22 -2.16
N SER A 50 -8.12 17.25 -1.93
CA SER A 50 -6.76 17.26 -2.43
C SER A 50 -5.69 16.94 -1.39
N GLY A 51 -6.02 16.97 -0.10
CA GLY A 51 -5.03 16.60 0.92
C GLY A 51 -4.65 15.12 0.88
N ALA A 52 -5.64 14.23 0.93
CA ALA A 52 -5.33 12.80 0.99
C ALA A 52 -4.41 12.32 -0.13
N PRO A 53 -4.63 12.68 -1.41
CA PRO A 53 -3.71 12.17 -2.44
C PRO A 53 -2.32 12.75 -2.31
N TYR A 54 -2.21 13.99 -1.82
CA TYR A 54 -0.88 14.53 -1.50
C TYR A 54 -0.20 13.71 -0.41
N PHE A 55 -0.92 13.43 0.69
CA PHE A 55 -0.27 12.71 1.79
C PHE A 55 0.21 11.33 1.33
N SER A 56 -0.59 10.64 0.53
CA SER A 56 -0.21 9.31 0.07
C SER A 56 0.97 9.38 -0.89
N SER A 57 0.92 10.28 -1.88
CA SER A 57 1.99 10.32 -2.89
C SER A 57 3.27 10.90 -2.31
N MET A 58 3.17 11.97 -1.52
CA MET A 58 4.38 12.52 -0.93
C MET A 58 4.92 11.60 0.16
N GLY A 59 4.03 10.89 0.87
CA GLY A 59 4.48 9.85 1.79
C GLY A 59 5.29 8.80 1.07
N ALA A 60 4.80 8.35 -0.09
CA ALA A 60 5.52 7.38 -0.90
C ALA A 60 6.86 7.92 -1.33
N MET A 61 6.93 9.18 -1.79
CA MET A 61 8.19 9.78 -2.22
CA MET A 61 8.20 9.73 -2.22
C MET A 61 9.19 9.84 -1.07
N ARG A 62 8.75 10.32 0.09
CA ARG A 62 9.68 10.41 1.21
C ARG A 62 10.07 9.05 1.74
N PHE A 63 9.21 8.06 1.57
CA PHE A 63 9.53 6.70 2.03
C PHE A 63 10.58 6.06 1.15
N GLY A 64 10.54 6.34 -0.15
CA GLY A 64 11.61 5.89 -1.03
C GLY A 64 11.26 5.63 -2.49
N ALA A 65 10.00 5.86 -2.92
CA ALA A 65 9.71 5.76 -4.35
C ALA A 65 10.64 6.66 -5.15
N ASP A 66 11.09 6.19 -6.31
CA ASP A 66 11.83 7.08 -7.22
C ASP A 66 10.91 8.16 -7.78
N LEU A 67 9.72 7.77 -8.21
CA LEU A 67 8.76 8.66 -8.85
C LEU A 67 7.39 8.42 -8.24
N ALA A 68 6.69 9.48 -7.86
CA ALA A 68 5.32 9.37 -7.41
C ALA A 68 4.44 10.23 -8.31
N HIS A 69 3.36 9.64 -8.77
CA HIS A 69 2.41 10.27 -9.67
C HIS A 69 1.08 10.42 -8.95
N VAL A 70 0.37 11.50 -9.25
CA VAL A 70 -1.00 11.66 -8.80
C VAL A 70 -1.87 11.71 -10.05
N ILE A 71 -2.96 10.96 -10.05
CA ILE A 71 -3.90 10.94 -11.17
C ILE A 71 -5.22 11.45 -10.63
N CYS A 72 -5.69 12.59 -11.14
CA CYS A 72 -6.75 13.28 -10.40
C CYS A 72 -7.54 14.20 -11.34
N GLU A 73 -8.54 14.87 -10.77
CA GLU A 73 -9.30 15.88 -11.50
C GLU A 73 -8.50 17.18 -11.58
N PRO A 74 -8.74 17.98 -12.63
CA PRO A 74 -8.01 19.25 -12.81
C PRO A 74 -8.04 20.20 -11.61
N SER A 75 -9.19 20.39 -10.97
CA SER A 75 -9.26 21.38 -9.89
CA SER A 75 -9.26 21.37 -9.88
C SER A 75 -8.42 20.93 -8.69
N ALA A 76 -8.58 19.69 -8.26
CA ALA A 76 -7.75 19.17 -7.19
C ALA A 76 -6.29 19.13 -7.60
N GLY A 77 -6.01 18.79 -8.87
CA GLY A 77 -4.63 18.69 -9.29
C GLY A 77 -3.90 20.02 -9.24
N ALA A 78 -4.62 21.11 -9.54
CA ALA A 78 -4.00 22.43 -9.51
C ALA A 78 -3.49 22.74 -8.10
N VAL A 79 -4.25 22.36 -7.08
CA VAL A 79 -3.81 22.57 -5.69
C VAL A 79 -2.64 21.65 -5.36
N ILE A 80 -2.78 20.37 -5.70
CA ILE A 80 -1.77 19.39 -5.30
C ILE A 80 -0.41 19.78 -5.86
N LYS A 81 -0.38 20.25 -7.12
CA LYS A 81 0.88 20.68 -7.72
C LYS A 81 1.56 21.76 -6.89
N THR A 82 0.77 22.68 -6.30
CA THR A 82 1.40 23.75 -5.52
C THR A 82 2.10 23.20 -4.28
N TYR A 83 1.67 22.03 -3.77
CA TYR A 83 2.30 21.50 -2.56
C TYR A 83 3.72 21.01 -2.82
N SER A 84 4.00 20.52 -4.02
CA SER A 84 5.34 19.98 -4.26
C SER A 84 5.64 19.91 -5.74
N PRO A 85 6.78 20.49 -6.19
CA PRO A 85 7.23 20.28 -7.57
C PRO A 85 7.76 18.89 -7.83
N ASP A 86 7.98 18.09 -6.79
CA ASP A 86 8.52 16.76 -6.99
C ASP A 86 7.43 15.75 -7.38
N LEU A 87 6.17 16.02 -7.08
CA LEU A 87 5.07 15.14 -7.49
C LEU A 87 4.75 15.34 -8.96
N ILE A 88 4.43 14.25 -9.66
CA ILE A 88 4.04 14.35 -11.08
C ILE A 88 2.54 14.22 -11.09
N VAL A 89 1.84 15.31 -11.40
CA VAL A 89 0.40 15.36 -11.20
C VAL A 89 -0.27 15.34 -12.56
N HIS A 90 -1.06 14.30 -12.83
CA HIS A 90 -1.74 14.13 -14.11
C HIS A 90 -3.20 14.50 -13.91
N THR A 91 -3.60 15.63 -14.46
CA THR A 91 -4.96 16.13 -14.26
C THR A 91 -5.88 15.56 -15.33
N ILE A 92 -5.83 14.24 -15.51
CA ILE A 92 -6.45 13.59 -16.66
C ILE A 92 -7.86 13.08 -16.39
N LEU A 93 -8.32 13.12 -15.14
CA LEU A 93 -9.67 12.64 -14.83
C LEU A 93 -10.66 13.80 -14.94
N ASP A 94 -10.67 14.35 -16.13
CA ASP A 94 -11.48 15.50 -16.44
C ASP A 94 -12.90 15.03 -16.75
N PRO A 95 -13.92 15.39 -15.98
CA PRO A 95 -15.29 14.98 -16.33
C PRO A 95 -15.79 15.58 -17.63
N GLN A 96 -15.10 16.56 -18.20
CA GLN A 96 -15.41 17.05 -19.53
C GLN A 96 -14.69 16.24 -20.62
N LYS A 97 -14.30 15.00 -20.31
CA LYS A 97 -13.59 14.14 -21.25
C LYS A 97 -14.38 12.85 -21.44
N SER A 98 -14.30 12.30 -22.65
CA SER A 98 -14.99 11.05 -22.90
C SER A 98 -14.36 9.93 -22.08
N ARG A 99 -15.19 8.92 -21.81
CA ARG A 99 -14.73 7.77 -21.03
CA ARG A 99 -14.73 7.77 -21.03
C ARG A 99 -13.58 7.05 -21.70
N GLU A 100 -13.65 6.88 -23.03
CA GLU A 100 -12.55 6.23 -23.72
C GLU A 100 -11.30 7.10 -23.72
N ASP A 101 -11.46 8.42 -23.79
CA ASP A 101 -10.30 9.31 -23.68
C ASP A 101 -9.68 9.21 -22.29
N ILE A 102 -10.49 8.95 -21.27
CA ILE A 102 -9.96 8.80 -19.92
C ILE A 102 -9.29 7.45 -19.76
N ARG A 103 -9.91 6.40 -20.31
CA ARG A 103 -9.26 5.09 -20.33
C ARG A 103 -7.90 5.18 -21.03
N SER A 104 -7.86 5.85 -22.18
CA SER A 104 -6.61 5.96 -22.94
C SER A 104 -5.54 6.73 -22.16
N ALA A 105 -5.91 7.85 -21.53
CA ALA A 105 -4.94 8.60 -20.74
C ALA A 105 -4.48 7.79 -19.53
N LEU A 106 -5.42 7.17 -18.82
CA LEU A 106 -5.09 6.36 -17.66
C LEU A 106 -4.15 5.22 -18.04
N LYS A 107 -4.43 4.53 -19.15
CA LYS A 107 -3.55 3.46 -19.58
C LYS A 107 -2.14 3.98 -19.85
N GLY A 108 -2.01 5.14 -20.51
CA GLY A 108 -0.69 5.71 -20.74
C GLY A 108 0.10 5.94 -19.46
N VAL A 109 -0.54 6.55 -18.46
CA VAL A 109 0.17 6.80 -17.21
C VAL A 109 0.46 5.48 -16.49
N MET A 110 -0.55 4.60 -16.42
CA MET A 110 -0.41 3.35 -15.67
C MET A 110 0.65 2.44 -16.26
N SER A 111 0.86 2.50 -17.57
CA SER A 111 1.90 1.71 -18.20
CA SER A 111 1.91 1.71 -18.21
C SER A 111 3.30 2.08 -17.72
N ARG A 112 3.44 3.21 -17.02
CA ARG A 112 4.69 3.65 -16.44
CA ARG A 112 4.72 3.62 -16.45
C ARG A 112 4.76 3.46 -14.93
N LEU A 113 3.86 2.63 -14.36
CA LEU A 113 3.81 2.46 -12.92
C LEU A 113 4.08 1.02 -12.49
N HIS A 114 4.69 0.85 -11.32
CA HIS A 114 4.73 -0.45 -10.66
C HIS A 114 3.49 -0.73 -9.83
N VAL A 115 2.95 0.28 -9.15
CA VAL A 115 1.85 0.14 -8.20
C VAL A 115 0.97 1.36 -8.30
N LEU A 116 -0.35 1.14 -8.25
CA LEU A 116 -1.34 2.20 -8.24
C LEU A 116 -2.11 2.10 -6.93
N ILE A 117 -2.14 3.20 -6.19
CA ILE A 117 -2.91 3.33 -4.96
C ILE A 117 -4.22 3.99 -5.34
N ILE A 118 -5.32 3.24 -5.27
CA ILE A 118 -6.63 3.74 -5.67
C ILE A 118 -7.39 4.17 -4.42
N GLY A 119 -7.85 5.42 -4.38
CA GLY A 119 -8.74 5.81 -3.31
C GLY A 119 -8.53 7.13 -2.59
N PRO A 120 -7.28 7.57 -2.38
CA PRO A 120 -7.08 8.81 -1.60
C PRO A 120 -7.74 10.01 -2.25
N GLY A 121 -8.73 10.59 -1.57
CA GLY A 121 -9.55 11.67 -2.11
C GLY A 121 -10.42 11.28 -3.29
N LEU A 122 -10.65 9.99 -3.49
CA LEU A 122 -11.44 9.53 -4.65
C LEU A 122 -12.89 10.03 -4.57
N GLY A 123 -13.50 9.95 -3.40
CA GLY A 123 -14.92 10.25 -3.29
C GLY A 123 -15.79 9.15 -3.87
N ARG A 124 -17.10 9.39 -3.76
CA ARG A 124 -18.14 8.43 -4.12
C ARG A 124 -18.95 8.86 -5.33
N ASP A 125 -18.58 9.95 -5.99
CA ASP A 125 -19.44 10.38 -7.09
C ASP A 125 -19.21 9.47 -8.31
N ASP A 126 -20.18 9.49 -9.22
CA ASP A 126 -20.19 8.53 -10.32
C ASP A 126 -18.94 8.63 -11.17
N HIS A 127 -18.48 9.86 -11.44
CA HIS A 127 -17.37 10.04 -12.36
C HIS A 127 -16.10 9.40 -11.83
N MET A 128 -15.76 9.70 -10.58
CA MET A 128 -14.54 9.16 -10.01
C MET A 128 -14.64 7.66 -9.73
N GLN A 129 -15.83 7.18 -9.37
CA GLN A 129 -15.98 5.74 -9.15
C GLN A 129 -15.78 5.00 -10.47
N SER A 130 -16.27 5.58 -11.57
CA SER A 130 -16.03 4.98 -12.88
CA SER A 130 -16.03 4.97 -12.88
C SER A 130 -14.55 5.02 -13.24
N CYS A 131 -13.88 6.15 -12.95
CA CYS A 131 -12.44 6.23 -13.22
C CYS A 131 -11.67 5.17 -12.46
N ALA A 132 -12.01 4.96 -11.19
CA ALA A 132 -11.34 3.91 -10.42
C ALA A 132 -11.65 2.53 -11.01
N LYS A 133 -12.89 2.32 -11.48
CA LYS A 133 -13.21 1.01 -12.03
C LYS A 133 -12.39 0.74 -13.29
N ILE A 134 -12.25 1.77 -14.15
CA ILE A 134 -11.37 1.67 -15.31
C ILE A 134 -9.96 1.34 -14.87
N ALA A 135 -9.48 2.03 -13.84
CA ALA A 135 -8.15 1.76 -13.32
C ALA A 135 -8.02 0.30 -12.85
N PHE A 136 -9.01 -0.18 -12.09
CA PHE A 136 -9.00 -1.60 -11.69
C PHE A 136 -8.93 -2.53 -12.90
N GLU A 137 -9.76 -2.27 -13.92
CA GLU A 137 -9.78 -3.12 -15.11
C GLU A 137 -8.43 -3.13 -15.82
N LEU A 138 -7.81 -1.96 -15.97
CA LEU A 138 -6.50 -1.88 -16.61
C LEU A 138 -5.44 -2.60 -15.80
N ALA A 139 -5.45 -2.38 -14.47
CA ALA A 139 -4.43 -2.99 -13.62
C ALA A 139 -4.56 -4.51 -13.63
N LYS A 140 -5.79 -5.02 -13.68
CA LYS A 140 -6.00 -6.44 -13.80
C LYS A 140 -5.22 -7.02 -14.96
N ASP A 141 -5.21 -6.33 -16.09
CA ASP A 141 -4.63 -6.88 -17.31
C ASP A 141 -3.16 -6.53 -17.47
N MET A 142 -2.63 -5.65 -16.62
CA MET A 142 -1.18 -5.39 -16.53
C MET A 142 -0.62 -6.29 -15.45
N GLU A 143 -0.12 -7.45 -15.86
CA GLU A 143 0.10 -8.52 -14.89
C GLU A 143 1.19 -8.21 -13.88
N GLN A 144 2.07 -7.23 -14.14
CA GLN A 144 3.10 -6.85 -13.17
C GLN A 144 2.74 -5.60 -12.37
N MET A 145 1.47 -5.19 -12.38
CA MET A 145 1.02 -4.01 -11.64
CA MET A 145 1.04 -4.01 -11.63
C MET A 145 0.45 -4.43 -10.29
N GLY A 146 0.86 -3.74 -9.22
CA GLY A 146 0.28 -3.94 -7.93
C GLY A 146 -0.74 -2.86 -7.62
N VAL A 147 -1.67 -3.15 -6.70
CA VAL A 147 -2.70 -2.19 -6.39
C VAL A 147 -2.92 -2.16 -4.88
N VAL A 148 -2.95 -0.96 -4.32
CA VAL A 148 -3.38 -0.74 -2.93
C VAL A 148 -4.68 0.03 -2.99
N VAL A 149 -5.68 -0.40 -2.22
CA VAL A 149 -7.01 0.20 -2.29
C VAL A 149 -7.37 0.75 -0.92
N ASP A 150 -7.73 2.02 -0.86
CA ASP A 150 -8.04 2.67 0.40
C ASP A 150 -9.27 3.55 0.26
N ALA A 151 -9.85 3.92 1.40
CA ALA A 151 -10.88 4.97 1.47
C ALA A 151 -12.00 4.62 0.48
N ASP A 152 -12.43 5.55 -0.37
CA ASP A 152 -13.58 5.25 -1.23
C ASP A 152 -13.23 4.36 -2.41
N GLY A 153 -11.96 4.00 -2.58
CA GLY A 153 -11.67 2.87 -3.45
C GLY A 153 -12.34 1.61 -2.92
N LEU A 154 -12.43 1.49 -1.60
CA LEU A 154 -13.09 0.35 -0.98
C LEU A 154 -14.60 0.45 -1.06
N TRP A 155 -15.15 1.66 -1.21
CA TRP A 155 -16.56 1.80 -1.56
C TRP A 155 -16.86 1.11 -2.89
N LEU A 156 -15.96 1.26 -3.87
CA LEU A 156 -16.15 0.59 -5.15
C LEU A 156 -16.10 -0.93 -5.00
N VAL A 157 -15.14 -1.44 -4.22
CA VAL A 157 -15.02 -2.89 -4.00
C VAL A 157 -16.25 -3.44 -3.31
N GLN A 158 -16.76 -2.74 -2.29
CA GLN A 158 -17.96 -3.25 -1.64
CA GLN A 158 -17.97 -3.19 -1.62
C GLN A 158 -19.17 -3.21 -2.57
N ASN A 159 -19.17 -2.31 -3.56
CA ASN A 159 -20.27 -2.28 -4.51
C ASN A 159 -20.07 -3.26 -5.67
N GLU A 160 -18.83 -3.55 -6.03
CA GLU A 160 -18.53 -4.49 -7.12
C GLU A 160 -17.30 -5.30 -6.73
N PRO A 161 -17.47 -6.31 -5.89
CA PRO A 161 -16.28 -7.04 -5.39
C PRO A 161 -15.51 -7.75 -6.48
N LYS A 162 -16.15 -8.04 -7.61
CA LYS A 162 -15.47 -8.73 -8.70
C LYS A 162 -14.29 -7.93 -9.25
N VAL A 163 -14.24 -6.62 -9.02
CA VAL A 163 -13.11 -5.83 -9.52
C VAL A 163 -11.78 -6.31 -8.94
N VAL A 164 -11.80 -6.96 -7.78
CA VAL A 164 -10.56 -7.55 -7.25
C VAL A 164 -10.49 -9.06 -7.43
N MET A 165 -11.60 -9.74 -7.71
CA MET A 165 -11.63 -11.19 -7.77
C MET A 165 -11.17 -11.71 -9.13
N ASP A 166 -10.38 -12.79 -9.08
CA ASP A 166 -9.84 -13.51 -10.25
C ASP A 166 -8.94 -12.60 -11.11
N TRP A 167 -7.73 -12.35 -10.57
CA TRP A 167 -6.71 -11.65 -11.31
C TRP A 167 -5.62 -12.60 -11.82
N PRO A 168 -4.96 -12.27 -12.93
CA PRO A 168 -3.82 -13.07 -13.40
C PRO A 168 -2.49 -12.56 -12.83
N GLY A 169 -1.50 -13.46 -12.83
CA GLY A 169 -0.19 -13.16 -12.30
C GLY A 169 -0.09 -13.45 -10.81
N VAL A 170 1.00 -12.98 -10.21
CA VAL A 170 1.19 -13.17 -8.78
C VAL A 170 0.13 -12.34 -8.06
N PRO A 171 -0.27 -12.70 -6.84
CA PRO A 171 -1.21 -11.85 -6.11
C PRO A 171 -0.57 -10.49 -5.88
N ARG A 172 -1.38 -9.43 -5.99
CA ARG A 172 -0.78 -8.10 -5.98
C ARG A 172 -1.78 -7.03 -5.58
N ILE A 173 -2.66 -7.35 -4.63
CA ILE A 173 -3.71 -6.43 -4.19
C ILE A 173 -3.67 -6.36 -2.67
N ILE A 174 -3.74 -5.14 -2.14
CA ILE A 174 -3.80 -4.89 -0.71
C ILE A 174 -4.94 -3.91 -0.46
N LEU A 175 -5.86 -4.29 0.41
CA LEU A 175 -6.95 -3.42 0.85
C LEU A 175 -6.66 -2.93 2.26
N THR A 176 -6.97 -1.65 2.54
CA THR A 176 -6.69 -1.08 3.87
C THR A 176 -7.94 -0.46 4.49
N PRO A 177 -8.96 -1.26 4.79
CA PRO A 177 -10.22 -0.70 5.32
C PRO A 177 -10.12 -0.25 6.76
N ASN A 178 -10.70 0.93 7.04
CA ASN A 178 -10.97 1.29 8.41
C ASN A 178 -12.15 0.47 8.93
N VAL A 179 -12.59 0.78 10.15
CA VAL A 179 -13.59 -0.06 10.83
C VAL A 179 -14.88 -0.15 10.03
N MET A 180 -15.41 1.01 9.59
CA MET A 180 -16.69 0.97 8.89
C MET A 180 -16.54 0.37 7.49
N GLU A 181 -15.46 0.69 6.78
CA GLU A 181 -15.20 0.08 5.48
C GLU A 181 -15.05 -1.44 5.60
N PHE A 182 -14.43 -1.89 6.69
CA PHE A 182 -14.30 -3.33 6.92
C PHE A 182 -15.65 -3.95 7.16
N LYS A 183 -16.48 -3.30 7.98
CA LYS A 183 -17.80 -3.85 8.24
C LYS A 183 -18.62 -3.93 6.95
N ARG A 184 -18.47 -2.92 6.08
CA ARG A 184 -19.27 -2.93 4.84
C ARG A 184 -18.81 -4.04 3.92
N LEU A 185 -17.49 -4.25 3.80
CA LEU A 185 -16.97 -5.34 2.98
C LEU A 185 -17.47 -6.68 3.48
N CYS A 186 -17.41 -6.89 4.81
CA CYS A 186 -17.92 -8.12 5.41
C CYS A 186 -19.40 -8.32 5.09
N ASP A 187 -20.21 -7.25 5.19
CA ASP A 187 -21.62 -7.37 4.87
C ASP A 187 -21.81 -7.81 3.42
N THR A 188 -21.08 -7.20 2.48
CA THR A 188 -21.23 -7.55 1.08
C THR A 188 -20.89 -9.00 0.83
N MET A 189 -19.80 -9.49 1.41
CA MET A 189 -19.34 -10.84 1.18
C MET A 189 -19.99 -11.86 2.11
N LYS A 190 -21.04 -11.47 2.84
CA LYS A 190 -21.81 -12.40 3.67
C LYS A 190 -20.95 -13.01 4.79
N ILE A 191 -20.05 -12.22 5.35
CA ILE A 191 -19.23 -12.68 6.45
CA ILE A 191 -19.20 -12.66 6.46
C ILE A 191 -19.91 -12.29 7.76
N ASN A 192 -20.23 -13.31 8.56
CA ASN A 192 -20.98 -13.09 9.79
C ASN A 192 -20.12 -12.37 10.83
N ALA A 193 -20.64 -11.24 11.32
CA ALA A 193 -19.91 -10.42 12.29
C ALA A 193 -19.77 -11.08 13.65
N SER A 194 -20.56 -12.11 13.95
CA SER A 194 -20.49 -12.76 15.25
C SER A 194 -19.38 -13.80 15.33
N GLY A 195 -18.62 -14.01 14.25
CA GLY A 195 -17.52 -14.95 14.26
C GLY A 195 -16.39 -14.46 15.17
N PRO A 196 -15.41 -15.33 15.42
CA PRO A 196 -14.24 -14.90 16.21
C PRO A 196 -13.56 -13.70 15.59
N HIS A 197 -13.21 -12.72 16.44
CA HIS A 197 -12.71 -11.45 15.94
C HIS A 197 -11.54 -11.62 14.97
N THR A 198 -10.56 -12.45 15.33
CA THR A 198 -9.41 -12.59 14.44
C THR A 198 -9.70 -13.48 13.23
N SER A 199 -10.89 -14.06 13.12
CA SER A 199 -11.20 -14.84 11.94
C SER A 199 -11.88 -14.02 10.84
N LEU A 200 -12.31 -12.79 11.14
CA LEU A 200 -13.11 -12.05 10.15
C LEU A 200 -12.25 -11.60 8.97
N CYS A 201 -11.09 -11.05 9.25
CA CYS A 201 -10.23 -10.61 8.15
C CYS A 201 -9.80 -11.79 7.27
N PRO A 202 -9.32 -12.92 7.82
CA PRO A 202 -9.01 -14.06 6.92
C PRO A 202 -10.21 -14.54 6.10
N GLN A 203 -11.41 -14.56 6.70
CA GLN A 203 -12.60 -14.96 5.94
C GLN A 203 -12.87 -14.00 4.79
N LEU A 204 -12.75 -12.70 5.05
CA LEU A 204 -12.98 -11.69 4.02
C LEU A 204 -11.94 -11.78 2.90
N ALA A 205 -10.66 -11.91 3.29
CA ALA A 205 -9.63 -12.06 2.27
C ALA A 205 -9.91 -13.30 1.41
N THR A 206 -10.27 -14.41 2.03
CA THR A 206 -10.63 -15.60 1.29
C THR A 206 -11.80 -15.33 0.34
N ALA A 207 -12.84 -14.66 0.84
CA ALA A 207 -14.00 -14.38 0.01
C ALA A 207 -13.66 -13.48 -1.17
N LEU A 208 -12.66 -12.61 -0.99
CA LEU A 208 -12.18 -11.72 -2.05
C LEU A 208 -11.00 -12.31 -2.80
N GLY A 209 -10.88 -13.63 -2.86
CA GLY A 209 -9.88 -14.27 -3.69
C GLY A 209 -8.47 -14.20 -3.16
N ASN A 210 -8.32 -14.14 -1.83
CA ASN A 210 -7.02 -14.09 -1.15
C ASN A 210 -6.25 -12.81 -1.46
N ALA A 211 -6.96 -11.71 -1.73
CA ALA A 211 -6.36 -10.40 -1.59
C ALA A 211 -5.80 -10.25 -0.17
N THR A 212 -4.79 -9.40 -0.01
CA THR A 212 -4.28 -9.09 1.31
C THR A 212 -5.05 -7.91 1.87
N ILE A 213 -5.45 -8.02 3.14
CA ILE A 213 -6.30 -7.02 3.75
C ILE A 213 -5.66 -6.58 5.04
N ILE A 214 -5.51 -5.27 5.22
CA ILE A 214 -5.09 -4.70 6.49
C ILE A 214 -6.37 -4.26 7.19
N GLN A 215 -6.83 -5.04 8.16
CA GLN A 215 -7.98 -4.63 8.97
C GLN A 215 -7.48 -3.65 10.01
N LYS A 216 -7.61 -2.35 9.72
CA LYS A 216 -7.07 -1.33 10.60
C LYS A 216 -7.85 -1.31 11.91
N GLY A 217 -7.13 -1.18 13.02
CA GLY A 217 -7.79 -1.13 14.31
C GLY A 217 -6.81 -0.79 15.40
N PRO A 218 -7.26 -0.93 16.66
CA PRO A 218 -6.32 -0.76 17.79
C PRO A 218 -5.03 -1.52 17.55
N SER A 219 -5.14 -2.77 17.16
CA SER A 219 -4.09 -3.46 16.43
C SER A 219 -4.58 -3.67 15.00
N ASP A 220 -3.63 -3.87 14.08
CA ASP A 220 -3.95 -4.13 12.68
C ASP A 220 -3.90 -5.63 12.44
N ILE A 221 -4.98 -6.19 11.91
CA ILE A 221 -5.05 -7.61 11.58
CA ILE A 221 -5.02 -7.61 11.58
C ILE A 221 -4.81 -7.75 10.08
N ILE A 222 -3.80 -8.51 9.69
CA ILE A 222 -3.37 -8.63 8.31
C ILE A 222 -3.53 -10.07 7.86
N SER A 223 -4.22 -10.27 6.73
CA SER A 223 -4.46 -11.63 6.27
C SER A 223 -4.66 -11.62 4.75
N ASN A 224 -4.23 -12.71 4.12
CA ASN A 224 -4.67 -13.05 2.77
C ASN A 224 -5.52 -14.30 2.75
N GLY A 225 -6.02 -14.72 3.93
CA GLY A 225 -6.86 -15.88 4.02
C GLY A 225 -6.12 -17.21 4.02
N LEU A 226 -4.82 -17.21 3.80
CA LEU A 226 -4.08 -18.46 3.76
C LEU A 226 -3.27 -18.56 5.04
N LYS A 227 -2.95 -19.78 5.45
CA LYS A 227 -2.02 -19.91 6.57
C LYS A 227 -0.72 -19.21 6.24
N ILE A 228 -0.09 -18.61 7.25
CA ILE A 228 1.13 -17.86 7.08
C ILE A 228 2.28 -18.85 6.98
N PRO A 229 2.90 -19.02 5.82
CA PRO A 229 3.75 -20.19 5.59
C PRO A 229 4.99 -20.19 6.45
N PHE A 230 5.59 -21.38 6.55
CA PHE A 230 6.71 -21.62 7.47
C PHE A 230 7.84 -20.61 7.29
N ALA A 231 7.97 -20.02 6.10
CA ALA A 231 8.97 -19.00 5.88
C ALA A 231 8.71 -17.75 6.71
N LEU A 232 7.46 -17.49 7.08
CA LEU A 232 7.08 -16.29 7.80
C LEU A 232 6.67 -16.57 9.25
N LEU A 233 5.68 -17.43 9.48
CA LEU A 233 5.12 -17.58 10.81
C LEU A 233 5.90 -18.59 11.63
N SER A 234 5.99 -18.34 12.94
CA SER A 234 6.83 -19.10 13.84
C SER A 234 6.04 -20.11 14.67
N GLU A 236 4.50 -26.09 15.21
CA GLU A 236 4.82 -27.42 15.74
C GLU A 236 3.95 -28.45 15.03
N SER A 237 3.20 -29.24 15.80
CA SER A 237 2.14 -30.06 15.21
C SER A 237 0.91 -29.23 14.81
N GLU A 238 0.95 -27.93 15.04
CA GLU A 238 -0.17 -27.05 14.74
C GLU A 238 0.08 -26.29 13.45
N GLU A 239 -1.02 -25.86 12.82
CA GLU A 239 -0.96 -25.10 11.59
C GLU A 239 -0.57 -23.65 11.90
N GLU A 240 0.22 -23.07 11.01
CA GLU A 240 0.54 -21.66 11.11
C GLU A 240 -0.72 -20.81 11.10
N GLN A 241 -0.75 -19.82 11.99
CA GLN A 241 -1.83 -18.86 12.01
C GLN A 241 -2.14 -18.37 10.59
N ASN A 242 -3.38 -17.95 10.37
CA ASN A 242 -3.75 -17.43 9.07
C ASN A 242 -3.96 -15.92 9.11
N TYR A 243 -3.43 -15.26 10.14
CA TYR A 243 -3.41 -13.81 10.18
C TYR A 243 -2.20 -13.39 10.98
N LEU A 244 -1.77 -12.16 10.75
CA LEU A 244 -0.75 -11.51 11.55
C LEU A 244 -1.37 -10.30 12.22
N GLU A 245 -0.82 -9.92 13.36
CA GLU A 245 -1.38 -8.81 14.13
C GLU A 245 -0.24 -7.84 14.45
N VAL A 246 -0.38 -6.60 14.02
CA VAL A 246 0.59 -5.56 14.33
C VAL A 246 0.07 -4.81 15.54
N LYS A 247 0.82 -4.87 16.63
CA LYS A 247 0.46 -4.16 17.85
C LYS A 247 1.46 -3.05 18.17
N VAL A 248 2.29 -2.67 17.20
CA VAL A 248 3.26 -1.59 17.38
C VAL A 248 2.53 -0.35 17.88
N GLU A 249 3.07 0.26 18.93
CA GLU A 249 2.45 1.45 19.50
C GLU A 249 2.55 2.64 18.53
N GLY A 250 1.40 3.24 18.21
CA GLY A 250 1.35 4.46 17.45
C GLY A 250 1.19 5.67 18.39
N GLY A 251 1.05 6.83 17.77
CA GLY A 251 0.81 8.01 18.57
C GLY A 251 -0.65 8.15 18.94
N LEU A 252 -0.94 9.10 19.83
CA LEU A 252 -2.30 9.24 20.35
C LEU A 252 -3.10 10.32 19.63
N LYS A 253 -2.46 11.18 18.85
CA LYS A 253 -3.17 12.23 18.13
C LYS A 253 -3.72 11.67 16.84
N ARG A 254 -5.03 11.74 16.66
CA ARG A 254 -5.67 11.16 15.48
C ARG A 254 -5.59 12.22 14.37
N VAL A 255 -4.64 12.08 13.45
CA VAL A 255 -4.56 13.04 12.34
C VAL A 255 -5.39 12.51 11.17
N GLY A 256 -5.92 13.43 10.36
CA GLY A 256 -6.87 13.04 9.33
C GLY A 256 -6.28 12.18 8.22
N GLY A 257 -4.99 12.30 7.95
CA GLY A 257 -4.44 11.58 6.80
C GLY A 257 -3.50 10.45 7.16
N GLN A 258 -3.59 9.96 8.39
CA GLN A 258 -2.75 8.83 8.82
C GLN A 258 -2.88 7.66 7.86
N GLY A 259 -4.09 7.37 7.41
CA GLY A 259 -4.28 6.27 6.50
C GLY A 259 -3.62 6.46 5.15
N ASP A 260 -3.39 7.71 4.74
CA ASP A 260 -2.70 7.97 3.48
C ASP A 260 -1.20 7.76 3.61
N ILE A 261 -0.64 8.08 4.78
CA ILE A 261 0.74 7.68 5.04
C ILE A 261 0.87 6.17 4.92
N LEU A 262 -0.09 5.42 5.48
CA LEU A 262 -0.08 3.97 5.38
C LEU A 262 -0.13 3.50 3.92
N SER A 263 -1.05 4.08 3.12
CA SER A 263 -1.21 3.54 1.77
C SER A 263 0.01 3.85 0.93
N GLY A 264 0.61 5.02 1.13
CA GLY A 264 1.78 5.38 0.35
C GLY A 264 2.97 4.47 0.65
N SER A 265 3.20 4.21 1.94
CA SER A 265 4.33 3.34 2.28
C SER A 265 4.03 1.90 1.91
N THR A 266 2.76 1.50 2.00
CA THR A 266 2.36 0.18 1.51
C THR A 266 2.67 0.02 0.03
N GLY A 267 2.32 1.03 -0.76
CA GLY A 267 2.55 0.96 -2.18
C GLY A 267 4.03 0.82 -2.51
N VAL A 268 4.87 1.56 -1.80
CA VAL A 268 6.31 1.47 -2.07
C VAL A 268 6.82 0.06 -1.75
N LEU A 269 6.51 -0.43 -0.55
CA LEU A 269 6.99 -1.76 -0.18
C LEU A 269 6.48 -2.82 -1.15
N LEU A 270 5.23 -2.71 -1.59
CA LEU A 270 4.68 -3.62 -2.60
C LEU A 270 5.48 -3.56 -3.90
N ALA A 271 5.82 -2.35 -4.34
CA ALA A 271 6.61 -2.23 -5.57
C ALA A 271 7.99 -2.85 -5.39
N TRP A 272 8.68 -2.51 -4.31
CA TRP A 272 10.01 -3.06 -4.07
C TRP A 272 9.96 -4.57 -4.03
N GLY A 273 9.03 -5.13 -3.24
CA GLY A 273 8.99 -6.59 -3.09
C GLY A 273 8.65 -7.27 -4.39
N SER A 274 7.78 -6.65 -5.20
CA SER A 274 7.38 -7.28 -6.46
C SER A 274 8.53 -7.27 -7.45
N GLU A 275 9.26 -6.15 -7.54
CA GLU A 275 10.44 -6.11 -8.39
C GLU A 275 11.51 -7.05 -7.90
N TRP A 276 11.65 -7.16 -6.58
CA TRP A 276 12.62 -8.08 -6.00
C TRP A 276 12.37 -9.51 -6.45
N VAL A 277 11.13 -9.97 -6.29
CA VAL A 277 10.79 -11.34 -6.67
CA VAL A 277 10.90 -11.36 -6.65
C VAL A 277 10.96 -11.54 -8.17
N ARG A 278 10.71 -10.48 -8.96
CA ARG A 278 10.88 -10.54 -10.42
C ARG A 278 12.32 -10.72 -10.86
N GLY A 279 13.28 -10.38 -10.00
CA GLY A 279 14.70 -10.48 -10.35
C GLY A 279 15.37 -9.16 -10.66
N THR A 280 14.66 -8.04 -10.49
CA THR A 280 15.21 -6.75 -10.93
C THR A 280 16.44 -6.35 -10.12
N TYR A 281 16.56 -6.86 -8.90
CA TYR A 281 17.64 -6.45 -8.01
C TYR A 281 18.74 -7.50 -7.91
N GLU A 282 18.65 -8.58 -8.71
CA GLU A 282 19.66 -9.63 -8.63
CA GLU A 282 19.65 -9.64 -8.64
C GLU A 282 21.05 -9.10 -8.96
N HIS A 283 21.15 -8.21 -9.97
CA HIS A 283 22.47 -7.73 -10.37
C HIS A 283 23.10 -6.78 -9.34
N VAL A 284 22.34 -6.27 -8.38
CA VAL A 284 22.92 -5.47 -7.30
C VAL A 284 22.97 -6.26 -5.99
N GLY A 285 22.96 -7.59 -6.05
CA GLY A 285 23.18 -8.40 -4.87
C GLY A 285 21.95 -8.80 -4.09
N HIS A 286 20.74 -8.57 -4.61
CA HIS A 286 19.51 -8.98 -3.96
C HIS A 286 18.72 -9.90 -4.90
N PRO A 287 19.17 -11.14 -5.08
CA PRO A 287 18.43 -12.09 -5.93
C PRO A 287 17.07 -12.39 -5.33
N PRO A 288 16.14 -12.93 -6.12
CA PRO A 288 14.83 -13.30 -5.57
C PRO A 288 14.98 -14.35 -4.47
N PRO A 289 13.99 -14.48 -3.60
CA PRO A 289 14.08 -15.50 -2.55
C PRO A 289 13.88 -16.90 -3.11
N GLN A 290 14.55 -17.87 -2.49
CA GLN A 290 14.39 -19.25 -2.92
C GLN A 290 12.98 -19.75 -2.65
N ASP A 291 12.38 -19.31 -1.54
CA ASP A 291 11.13 -19.88 -1.07
C ASP A 291 9.94 -19.28 -1.82
N LYS A 292 9.16 -20.12 -2.49
CA LYS A 292 8.00 -19.62 -3.22
C LYS A 292 6.95 -19.04 -2.29
N ALA A 293 6.93 -19.47 -1.03
CA ALA A 293 6.03 -18.86 -0.05
C ALA A 293 6.28 -17.36 0.08
N ILE A 294 7.55 -16.95 0.10
CA ILE A 294 7.85 -15.52 0.18
C ILE A 294 7.33 -14.80 -1.06
N LYS A 295 7.52 -15.40 -2.24
CA LYS A 295 7.03 -14.78 -3.46
C LYS A 295 5.51 -14.60 -3.43
N GLU A 296 4.79 -15.62 -2.97
CA GLU A 296 3.34 -15.55 -2.90
C GLU A 296 2.88 -14.57 -1.82
N ASN A 297 3.74 -14.23 -0.87
CA ASN A 297 3.32 -13.43 0.26
C ASN A 297 3.94 -12.04 0.28
N ILE A 298 4.45 -11.55 -0.85
CA ILE A 298 4.91 -10.16 -0.90
C ILE A 298 3.84 -9.18 -0.41
N PRO A 299 2.57 -9.29 -0.82
CA PRO A 299 1.63 -8.27 -0.33
C PRO A 299 1.46 -8.29 1.17
N VAL A 300 1.51 -9.47 1.79
CA VAL A 300 1.43 -9.56 3.26
C VAL A 300 2.63 -8.91 3.91
N LEU A 301 3.83 -9.14 3.36
CA LEU A 301 5.04 -8.54 3.92
C LEU A 301 5.03 -7.02 3.75
N ALA A 302 4.62 -6.53 2.58
CA ALA A 302 4.48 -5.08 2.38
C ALA A 302 3.48 -4.52 3.37
N ALA A 303 2.34 -5.17 3.53
CA ALA A 303 1.33 -4.68 4.47
C ALA A 303 1.85 -4.67 5.89
N TYR A 304 2.52 -5.75 6.31
CA TYR A 304 3.05 -5.84 7.68
C TYR A 304 4.11 -4.76 7.94
N GLY A 305 5.04 -4.60 7.00
CA GLY A 305 6.08 -3.58 7.16
C GLY A 305 5.52 -2.17 7.16
N ALA A 306 4.55 -1.90 6.28
CA ALA A 306 3.92 -0.57 6.22
C ALA A 306 3.11 -0.27 7.48
N SER A 307 2.31 -1.25 7.95
CA SER A 307 1.57 -1.10 9.20
C SER A 307 2.52 -0.80 10.36
N THR A 308 3.61 -1.56 10.46
CA THR A 308 4.63 -1.28 11.47
C THR A 308 5.17 0.12 11.31
N PHE A 309 5.55 0.48 10.08
CA PHE A 309 6.16 1.78 9.85
C PHE A 309 5.20 2.90 10.20
N ASN A 310 3.94 2.74 9.80
CA ASN A 310 2.92 3.77 9.98
C ASN A 310 2.71 4.08 11.45
N ARG A 311 2.64 3.05 12.29
CA ARG A 311 2.52 3.25 13.72
C ARG A 311 3.74 3.95 14.28
N THR A 312 4.93 3.56 13.81
CA THR A 312 6.16 4.15 14.35
C THR A 312 6.26 5.63 13.97
N VAL A 313 5.90 5.96 12.73
CA VAL A 313 5.98 7.36 12.34
C VAL A 313 4.93 8.19 13.07
N SER A 314 3.73 7.62 13.27
CA SER A 314 2.73 8.28 14.11
C SER A 314 3.28 8.51 15.52
N LYS A 315 3.90 7.50 16.12
CA LYS A 315 4.46 7.66 17.45
C LYS A 315 5.53 8.75 17.48
N ARG A 316 6.46 8.70 16.53
CA ARG A 316 7.57 9.67 16.54
C ARG A 316 7.06 11.09 16.30
N GLY A 317 6.10 11.25 15.40
CA GLY A 317 5.50 12.58 15.22
C GLY A 317 4.80 13.07 16.47
N PHE A 318 4.10 12.16 17.15
CA PHE A 318 3.37 12.57 18.34
C PHE A 318 4.33 12.95 19.46
N GLN A 319 5.44 12.22 19.59
CA GLN A 319 6.46 12.60 20.57
C GLN A 319 6.98 13.99 20.31
N LYS A 320 7.02 14.40 19.05
CA LYS A 320 7.54 15.71 18.68
C LYS A 320 6.47 16.80 18.78
N LYS A 321 5.23 16.51 18.39
CA LYS A 321 4.23 17.57 18.26
C LYS A 321 3.08 17.49 19.25
N GLY A 322 2.85 16.34 19.86
CA GLY A 322 1.76 16.23 20.84
C GLY A 322 0.40 16.56 20.22
N ARG A 323 -0.40 17.30 21.01
CA ARG A 323 -1.76 17.67 20.63
C ARG A 323 -1.81 18.43 19.31
N SER A 324 -0.75 19.14 18.97
CA SER A 324 -0.76 20.00 17.79
C SER A 324 -0.49 19.26 16.48
N MET A 325 -0.16 17.97 16.54
CA MET A 325 0.30 17.26 15.35
C MET A 325 -0.75 17.22 14.26
N VAL A 326 -0.31 17.45 13.01
CA VAL A 326 -1.15 17.26 11.84
C VAL A 326 -0.41 16.34 10.89
N THR A 327 -1.15 15.83 9.90
CA THR A 327 -0.57 14.83 9.00
C THR A 327 0.65 15.37 8.28
N GLY A 328 0.60 16.65 7.89
CA GLY A 328 1.75 17.25 7.23
C GLY A 328 3.05 17.12 8.02
N ASP A 329 2.96 17.12 9.37
CA ASP A 329 4.15 16.89 10.19
C ASP A 329 4.73 15.50 9.97
N LEU A 330 3.88 14.52 9.73
CA LEU A 330 4.35 13.15 9.51
C LEU A 330 5.13 13.04 8.21
N VAL A 331 4.69 13.74 7.17
CA VAL A 331 5.41 13.68 5.90
C VAL A 331 6.88 14.05 6.10
N ASP A 332 7.14 15.11 6.87
CA ASP A 332 8.52 15.52 7.11
C ASP A 332 9.30 14.50 7.92
N MET A 333 8.63 13.62 8.63
CA MET A 333 9.37 12.67 9.45
CA MET A 333 9.25 12.63 9.51
C MET A 333 9.47 11.28 8.84
N VAL A 334 8.88 11.06 7.67
CA VAL A 334 8.91 9.73 7.06
C VAL A 334 10.35 9.28 6.87
N GLY A 335 11.20 10.17 6.37
CA GLY A 335 12.58 9.78 6.05
C GLY A 335 13.35 9.33 7.27
N GLU A 336 13.30 10.10 8.34
CA GLU A 336 14.07 9.71 9.54
C GLU A 336 13.50 8.44 10.16
N VAL A 337 12.18 8.24 10.11
CA VAL A 337 11.63 7.00 10.67
C VAL A 337 11.90 5.82 9.75
N TYR A 338 11.94 6.03 8.43
CA TYR A 338 12.38 4.95 7.56
C TYR A 338 13.81 4.53 7.92
N GLU A 339 14.69 5.48 8.19
CA GLU A 339 16.06 5.09 8.54
CA GLU A 339 16.05 5.10 8.53
C GLU A 339 16.06 4.28 9.83
N GLU A 340 15.17 4.61 10.77
CA GLU A 340 15.08 3.89 12.05
C GLU A 340 14.60 2.45 11.86
N VAL A 341 13.52 2.28 11.11
CA VAL A 341 12.86 0.98 11.01
C VAL A 341 13.52 0.08 9.98
N PHE A 342 13.96 0.65 8.87
CA PHE A 342 14.41 -0.14 7.73
C PHE A 342 15.83 0.15 7.36
N GLY A 343 16.20 1.42 7.23
CA GLY A 343 17.46 1.78 6.58
C GLY A 343 18.69 1.34 7.37
N ASN A 344 18.79 1.81 8.61
CA ASN A 344 19.97 1.49 9.41
C ASN A 344 20.01 0.02 9.81
N PRO A 345 18.91 -0.60 10.29
CA PRO A 345 18.98 -2.06 10.54
C PRO A 345 19.39 -2.85 9.31
N GLY A 346 18.85 -2.52 8.14
CA GLY A 346 19.20 -3.25 6.93
C GLY A 346 20.65 -3.08 6.55
N GLU A 347 21.17 -1.86 6.63
CA GLU A 347 22.58 -1.68 6.34
C GLU A 347 23.44 -2.50 7.31
N VAL A 348 23.10 -2.50 8.60
CA VAL A 348 23.93 -3.23 9.55
C VAL A 348 23.82 -4.73 9.34
N GLU A 349 22.67 -5.20 8.84
CA GLU A 349 22.48 -6.58 8.45
C GLU A 349 23.20 -6.95 7.18
N GLY A 350 23.95 -6.03 6.56
CA GLY A 350 24.72 -6.40 5.37
C GLY A 350 23.92 -6.36 4.07
N ARG A 351 22.76 -5.72 4.04
CA ARG A 351 21.93 -5.65 2.85
C ARG A 351 22.31 -4.53 1.90
N GLY A 352 23.33 -3.75 2.25
CA GLY A 352 23.70 -2.58 1.47
C GLY A 352 23.08 -1.35 2.08
N LYS A 353 23.33 -0.23 1.41
CA LYS A 353 22.72 1.04 1.80
C LYS A 353 21.23 1.00 1.48
N LEU A 354 20.39 0.85 2.51
CA LEU A 354 18.93 0.75 2.31
C LEU A 354 18.22 2.11 2.47
NA NA B . 2.27 27.53 -1.80
P PO4 C . -16.55 8.69 -16.90
O1 PO4 C . -18.01 8.32 -16.89
O2 PO4 C . -15.87 7.91 -17.98
O3 PO4 C . -16.33 10.16 -17.15
O4 PO4 C . -15.90 8.30 -15.58
#